data_5IXP
#
_entry.id   5IXP
#
_cell.length_a   89.967
_cell.length_b   115.184
_cell.length_c   59.976
_cell.angle_alpha   90.000
_cell.angle_beta   131.170
_cell.angle_gamma   90.000
#
_symmetry.space_group_name_H-M   'C 1 2 1'
#
loop_
_entity.id
_entity.type
_entity.pdbx_description
1 polymer 'Extracellular solute-binding protein family 1'
2 non-polymer 'FORMIC ACID'
3 water water
#
_entity_poly.entity_id   1
_entity_poly.type   'polypeptide(L)'
_entity_poly.pdbx_seq_one_letter_code
;PVELTIATFNEFGYSDLYREYEAAHPNVKITERRAATVDEHIKNLETNLASGSG(MSE)ADIEA(MSE)EVSWIYKYLAK
ADKFVDLRDHGADELKSRWLDWKVASATTSDGRIIGYGTDIGPEAICYRRDLFARAGLPTDRAEVAKLFPDWTSYFAAGR
RFKAK(MSE)PNSAWFDSAVLTWEA(MSE)RNQLIQAYYSNQDRYLGDENELLKRTWDQIVAATEDGLSAKLPAWSDAWT
KAFRTDAFAT(MSE)ACPGWLLGVIADNAGTFGKGKWDVADVFPGGGGNWGGSYLTVPTQSTQPAEAAKLAAWLTAPEQQ
IKVFKKVGSFPSTVDAYESEQVTAQVNPYFNNAPVGKIFVNRANNVILKQHKGPRDGEINQVFTEALARVDEGKQSSSAA
WKQALREADKAAN
;
_entity_poly.pdbx_strand_id   A
#
# COMPACT_ATOMS: atom_id res chain seq x y z
N PRO A 1 -35.17 -12.79 7.06
CA PRO A 1 -34.54 -11.48 7.04
C PRO A 1 -33.19 -11.46 7.73
N VAL A 2 -32.15 -11.49 6.91
CA VAL A 2 -30.77 -11.44 7.35
C VAL A 2 -30.37 -9.98 7.40
N GLU A 3 -29.95 -9.49 8.56
CA GLU A 3 -29.47 -8.12 8.66
C GLU A 3 -27.97 -8.13 8.86
N LEU A 4 -27.26 -7.50 7.93
CA LEU A 4 -25.81 -7.44 7.96
C LEU A 4 -25.35 -6.00 8.09
N THR A 5 -24.37 -5.77 8.95
N THR A 5 -24.32 -5.78 8.90
CA THR A 5 -23.67 -4.49 9.01
CA THR A 5 -23.68 -4.47 9.02
C THR A 5 -22.29 -4.68 8.40
C THR A 5 -22.25 -4.60 8.53
N ILE A 6 -21.83 -3.66 7.68
CA ILE A 6 -20.47 -3.64 7.16
C ILE A 6 -19.85 -2.31 7.54
N ALA A 7 -18.66 -2.35 8.15
CA ALA A 7 -17.97 -1.15 8.60
C ALA A 7 -16.83 -0.86 7.63
N THR A 8 -16.88 0.31 6.99
CA THR A 8 -15.85 0.74 6.06
C THR A 8 -15.30 2.09 6.52
N PHE A 9 -14.21 2.51 5.87
CA PHE A 9 -13.56 3.76 6.18
C PHE A 9 -13.15 4.39 4.85
N ASN A 10 -12.95 5.70 4.86
CA ASN A 10 -12.72 6.44 3.63
C ASN A 10 -13.82 6.08 2.64
N GLU A 11 -13.51 5.85 1.37
CA GLU A 11 -14.56 5.57 0.38
C GLU A 11 -14.28 4.25 -0.33
N PHE A 12 -14.96 3.18 0.12
CA PHE A 12 -14.84 1.90 -0.55
C PHE A 12 -15.61 1.85 -1.87
N GLY A 13 -16.49 2.81 -2.14
CA GLY A 13 -17.22 2.81 -3.39
C GLY A 13 -18.32 1.77 -3.48
N TYR A 14 -18.82 1.29 -2.35
CA TYR A 14 -19.76 0.16 -2.31
C TYR A 14 -21.23 0.58 -2.37
N SER A 15 -21.55 1.87 -2.33
CA SER A 15 -22.95 2.27 -2.13
C SER A 15 -23.89 1.65 -3.16
N ASP A 16 -23.53 1.71 -4.44
CA ASP A 16 -24.40 1.10 -5.46
C ASP A 16 -24.40 -0.41 -5.33
N LEU A 17 -23.28 -0.99 -4.91
CA LEU A 17 -23.19 -2.44 -4.81
C LEU A 17 -24.15 -2.98 -3.77
N TYR A 18 -24.30 -2.27 -2.64
CA TYR A 18 -25.24 -2.73 -1.62
C TYR A 18 -26.65 -2.81 -2.19
N ARG A 19 -27.04 -1.81 -2.98
N ARG A 19 -27.04 -1.81 -2.99
CA ARG A 19 -28.37 -1.82 -3.60
CA ARG A 19 -28.36 -1.86 -3.61
C ARG A 19 -28.52 -3.01 -4.55
C ARG A 19 -28.49 -3.04 -4.55
N GLU A 20 -27.48 -3.27 -5.34
N GLU A 20 -27.46 -3.29 -5.36
CA GLU A 20 -27.51 -4.40 -6.26
CA GLU A 20 -27.50 -4.43 -6.29
C GLU A 20 -27.66 -5.72 -5.51
C GLU A 20 -27.64 -5.74 -5.53
N TYR A 21 -26.89 -5.90 -4.44
CA TYR A 21 -26.94 -7.16 -3.69
C TYR A 21 -28.32 -7.38 -3.09
N GLU A 22 -28.91 -6.34 -2.51
CA GLU A 22 -30.25 -6.48 -1.93
C GLU A 22 -31.29 -6.80 -2.99
N ALA A 23 -31.12 -6.26 -4.20
CA ALA A 23 -32.06 -6.57 -5.27
C ALA A 23 -31.96 -8.06 -5.65
N ALA A 24 -30.75 -8.60 -5.61
CA ALA A 24 -30.56 -10.00 -5.97
C ALA A 24 -30.86 -10.95 -4.83
N HIS A 25 -30.81 -10.47 -3.59
CA HIS A 25 -30.96 -11.30 -2.39
C HIS A 25 -31.98 -10.61 -1.49
N PRO A 26 -33.27 -10.74 -1.80
CA PRO A 26 -34.29 -9.91 -1.12
C PRO A 26 -34.42 -10.18 0.38
N ASN A 27 -33.82 -11.26 0.88
N ASN A 27 -33.85 -11.26 0.91
CA ASN A 27 -33.85 -11.58 2.30
CA ASN A 27 -33.91 -11.50 2.34
C ASN A 27 -32.80 -10.82 3.10
C ASN A 27 -32.75 -10.89 3.10
N VAL A 28 -31.87 -10.14 2.44
CA VAL A 28 -30.69 -9.55 3.07
C VAL A 28 -30.84 -8.04 3.13
N LYS A 29 -30.66 -7.47 4.32
CA LYS A 29 -30.64 -6.03 4.51
C LYS A 29 -29.23 -5.62 4.93
N ILE A 30 -28.64 -4.67 4.21
CA ILE A 30 -27.27 -4.21 4.46
C ILE A 30 -27.31 -2.81 5.02
N THR A 31 -26.58 -2.60 6.12
CA THR A 31 -26.37 -1.28 6.68
C THR A 31 -24.88 -1.02 6.73
N GLU A 32 -24.43 0.10 6.20
CA GLU A 32 -23.02 0.47 6.27
C GLU A 32 -22.77 1.39 7.46
N ARG A 33 -21.66 1.15 8.16
CA ARG A 33 -21.23 1.94 9.29
C ARG A 33 -19.90 2.59 8.93
N ARG A 34 -19.81 3.91 9.11
CA ARG A 34 -18.57 4.64 8.78
C ARG A 34 -18.14 5.44 10.00
N ALA A 35 -17.02 5.04 10.61
CA ALA A 35 -16.40 5.92 11.60
C ALA A 35 -15.96 7.23 10.94
N ALA A 36 -15.85 8.28 11.76
CA ALA A 36 -15.48 9.59 11.21
C ALA A 36 -14.08 9.61 10.64
N THR A 37 -13.17 8.82 11.21
CA THR A 37 -11.78 8.80 10.77
C THR A 37 -11.30 7.36 10.71
N VAL A 38 -10.21 7.15 9.99
CA VAL A 38 -9.61 5.83 9.94
C VAL A 38 -9.12 5.41 11.32
N ASP A 39 -8.51 6.36 12.07
CA ASP A 39 -8.04 6.01 13.41
C ASP A 39 -9.20 5.56 14.31
N GLU A 40 -10.38 6.15 14.15
CA GLU A 40 -11.47 5.70 15.00
C GLU A 40 -12.05 4.38 14.53
N HIS A 41 -12.02 4.11 13.23
CA HIS A 41 -12.37 2.78 12.75
C HIS A 41 -11.48 1.72 13.40
N ILE A 42 -10.17 1.96 13.43
CA ILE A 42 -9.23 1.05 14.08
C ILE A 42 -9.54 0.92 15.56
N LYS A 43 -9.73 2.04 16.24
N LYS A 43 -9.75 2.04 16.23
CA LYS A 43 -10.02 2.00 17.67
CA LYS A 43 -10.03 2.01 17.68
C LYS A 43 -11.31 1.23 17.96
C LYS A 43 -11.30 1.24 17.96
N ASN A 44 -12.34 1.42 17.14
CA ASN A 44 -13.57 0.65 17.31
C ASN A 44 -13.27 -0.83 17.16
N LEU A 45 -12.51 -1.18 16.12
N LEU A 45 -12.46 -1.19 16.17
CA LEU A 45 -12.07 -2.55 15.89
CA LEU A 45 -12.17 -2.60 15.94
C LEU A 45 -11.44 -3.13 17.14
C LEU A 45 -11.38 -3.20 17.09
N GLU A 46 -10.41 -2.45 17.65
CA GLU A 46 -9.70 -2.93 18.83
C GLU A 46 -10.62 -3.05 20.03
N THR A 47 -11.42 -2.00 20.26
CA THR A 47 -12.27 -1.98 21.45
C THR A 47 -13.35 -3.05 21.38
N ASN A 48 -13.98 -3.20 20.21
CA ASN A 48 -15.09 -4.12 20.08
C ASN A 48 -14.62 -5.57 20.03
N LEU A 49 -13.47 -5.81 19.41
CA LEU A 49 -12.90 -7.16 19.43
C LEU A 49 -12.61 -7.60 20.86
N ALA A 50 -12.07 -6.68 21.67
CA ALA A 50 -11.73 -7.03 23.05
C ALA A 50 -12.96 -7.16 23.94
N SER A 51 -14.03 -6.40 23.67
CA SER A 51 -15.19 -6.47 24.52
C SER A 51 -16.10 -7.63 24.16
N GLY A 52 -15.97 -8.18 22.96
CA GLY A 52 -16.90 -9.17 22.47
C GLY A 52 -18.22 -8.63 21.97
N SER A 53 -18.34 -7.31 21.79
CA SER A 53 -19.61 -6.74 21.35
C SER A 53 -19.36 -5.53 20.45
N GLY A 54 -20.34 -5.26 19.59
CA GLY A 54 -20.33 -4.03 18.80
C GLY A 54 -19.75 -4.14 17.42
N ALA A 56 -19.14 -4.99 13.50
CA ALA A 56 -19.93 -5.22 12.31
C ALA A 56 -19.78 -6.67 11.86
N ASP A 57 -20.74 -7.14 11.05
CA ASP A 57 -20.62 -8.48 10.50
C ASP A 57 -19.47 -8.58 9.52
N ILE A 58 -19.22 -7.52 8.75
CA ILE A 58 -18.03 -7.42 7.89
C ILE A 58 -17.26 -6.21 8.37
N GLU A 59 -15.99 -6.41 8.72
CA GLU A 59 -15.10 -5.33 9.15
C GLU A 59 -14.00 -5.15 8.13
N ALA A 60 -13.90 -3.93 7.57
CA ALA A 60 -12.81 -3.64 6.65
C ALA A 60 -11.51 -3.43 7.42
N GLU A 62 -7.29 -2.33 6.61
CA GLU A 62 -6.21 -1.98 5.71
C GLU A 62 -5.04 -2.94 5.90
N VAL A 63 -4.30 -3.17 4.81
CA VAL A 63 -3.24 -4.17 4.86
C VAL A 63 -2.18 -3.81 5.90
N SER A 64 -1.99 -2.52 6.19
CA SER A 64 -0.93 -2.22 7.14
C SER A 64 -1.30 -2.55 8.57
N TRP A 65 -2.58 -2.80 8.87
N TRP A 65 -2.56 -2.83 8.89
CA TRP A 65 -3.03 -3.19 10.20
CA TRP A 65 -2.86 -3.22 10.26
C TRP A 65 -3.15 -4.69 10.39
C TRP A 65 -3.47 -4.62 10.34
N ILE A 66 -3.31 -5.44 9.30
CA ILE A 66 -3.80 -6.81 9.40
C ILE A 66 -2.82 -7.72 10.14
N TYR A 67 -1.54 -7.34 10.22
CA TYR A 67 -0.57 -8.12 10.99
C TYR A 67 -1.05 -8.30 12.43
N LYS A 68 -1.64 -7.25 13.02
CA LYS A 68 -2.09 -7.32 14.40
C LYS A 68 -3.24 -8.30 14.57
N TYR A 69 -4.04 -8.49 13.54
CA TYR A 69 -5.20 -9.36 13.68
C TYR A 69 -4.95 -10.77 13.16
N LEU A 70 -3.93 -10.97 12.33
CA LEU A 70 -3.46 -12.32 12.08
C LEU A 70 -3.06 -12.99 13.38
N ALA A 71 -2.48 -12.24 14.30
CA ALA A 71 -2.12 -12.79 15.61
C ALA A 71 -3.34 -13.07 16.48
N LYS A 72 -4.50 -12.54 16.11
CA LYS A 72 -5.76 -12.78 16.81
C LYS A 72 -6.73 -13.56 15.94
N ALA A 73 -6.21 -14.44 15.07
CA ALA A 73 -7.06 -15.06 14.06
C ALA A 73 -8.17 -15.92 14.67
N ASP A 74 -8.01 -16.36 15.92
CA ASP A 74 -9.08 -17.11 16.59
C ASP A 74 -10.38 -16.32 16.64
N LYS A 75 -10.30 -15.00 16.60
CA LYS A 75 -11.47 -14.15 16.72
C LYS A 75 -12.09 -13.80 15.37
N PHE A 76 -11.59 -14.38 14.29
CA PHE A 76 -12.11 -14.13 12.96
C PHE A 76 -12.51 -15.44 12.29
N VAL A 77 -13.55 -15.36 11.45
CA VAL A 77 -13.94 -16.51 10.65
C VAL A 77 -12.81 -16.86 9.71
N ASP A 78 -12.42 -18.14 9.72
CA ASP A 78 -11.58 -18.67 8.65
C ASP A 78 -12.44 -18.81 7.41
N LEU A 79 -12.20 -17.96 6.41
CA LEU A 79 -13.06 -17.96 5.24
C LEU A 79 -12.93 -19.25 4.43
N ARG A 80 -11.90 -20.06 4.70
CA ARG A 80 -11.86 -21.39 4.11
C ARG A 80 -13.04 -22.24 4.54
N ASP A 81 -13.63 -21.95 5.70
CA ASP A 81 -14.85 -22.64 6.11
C ASP A 81 -16.06 -22.22 5.27
N HIS A 82 -15.90 -21.24 4.38
CA HIS A 82 -17.01 -20.75 3.58
C HIS A 82 -16.63 -20.59 2.11
N GLY A 83 -15.65 -21.37 1.65
CA GLY A 83 -15.34 -21.46 0.24
C GLY A 83 -14.12 -20.69 -0.23
N ALA A 84 -13.36 -20.08 0.68
CA ALA A 84 -12.17 -19.32 0.26
C ALA A 84 -11.19 -20.17 -0.54
N ASP A 85 -11.08 -21.47 -0.23
CA ASP A 85 -10.07 -22.28 -0.92
C ASP A 85 -10.39 -22.40 -2.41
N GLU A 86 -11.67 -22.43 -2.77
CA GLU A 86 -12.04 -22.38 -4.18
C GLU A 86 -11.84 -20.99 -4.78
N LEU A 87 -12.02 -19.92 -3.99
CA LEU A 87 -11.90 -18.58 -4.52
C LEU A 87 -10.47 -18.08 -4.63
N LYS A 88 -9.53 -18.72 -3.92
CA LYS A 88 -8.16 -18.21 -3.78
C LYS A 88 -7.57 -17.69 -5.09
N SER A 89 -7.71 -18.47 -6.17
CA SER A 89 -7.14 -18.13 -7.48
C SER A 89 -7.74 -16.87 -8.11
N ARG A 90 -8.83 -16.35 -7.57
CA ARG A 90 -9.38 -15.07 -8.02
C ARG A 90 -8.40 -13.94 -7.84
N TRP A 91 -7.61 -13.97 -6.76
CA TRP A 91 -6.73 -12.88 -6.37
C TRP A 91 -5.28 -13.16 -6.77
N LEU A 92 -4.52 -12.07 -6.91
CA LEU A 92 -3.06 -12.16 -6.89
C LEU A 92 -2.63 -12.95 -5.66
N ASP A 93 -1.67 -13.86 -5.85
CA ASP A 93 -1.29 -14.74 -4.76
C ASP A 93 -0.77 -13.95 -3.55
N TRP A 94 -0.02 -12.87 -3.79
CA TRP A 94 0.50 -12.08 -2.67
C TRP A 94 -0.62 -11.35 -1.92
N LYS A 95 -1.71 -11.00 -2.59
CA LYS A 95 -2.83 -10.39 -1.88
C LYS A 95 -3.46 -11.38 -0.92
N VAL A 96 -3.65 -12.64 -1.36
CA VAL A 96 -4.20 -13.66 -0.47
C VAL A 96 -3.27 -13.90 0.70
N ALA A 97 -1.97 -13.97 0.43
CA ALA A 97 -1.00 -14.34 1.45
C ALA A 97 -0.98 -13.36 2.61
N SER A 98 -1.18 -12.07 2.32
CA SER A 98 -1.10 -11.07 3.37
C SER A 98 -2.24 -11.18 4.38
N ALA A 99 -3.33 -11.87 4.03
CA ALA A 99 -4.44 -12.12 4.94
C ALA A 99 -4.52 -13.58 5.35
N THR A 100 -3.41 -14.32 5.22
CA THR A 100 -3.35 -15.73 5.59
C THR A 100 -2.41 -15.89 6.78
N THR A 101 -2.85 -16.63 7.78
CA THR A 101 -2.05 -16.89 8.97
C THR A 101 -0.94 -17.87 8.67
N SER A 102 -0.01 -17.99 9.61
CA SER A 102 1.07 -18.98 9.48
C SER A 102 0.52 -20.38 9.33
N ASP A 103 -0.62 -20.67 9.96
CA ASP A 103 -1.20 -22.00 9.92
C ASP A 103 -2.19 -22.19 8.78
N GLY A 104 -2.36 -21.20 7.91
CA GLY A 104 -3.15 -21.35 6.70
C GLY A 104 -4.55 -20.79 6.75
N ARG A 105 -4.99 -20.23 7.87
CA ARG A 105 -6.34 -19.66 7.94
C ARG A 105 -6.39 -18.36 7.15
N ILE A 106 -7.48 -18.15 6.43
CA ILE A 106 -7.64 -16.96 5.60
C ILE A 106 -8.69 -16.08 6.26
N ILE A 107 -8.28 -14.91 6.76
CA ILE A 107 -9.20 -14.09 7.53
C ILE A 107 -9.72 -12.90 6.75
N GLY A 108 -9.26 -12.67 5.53
CA GLY A 108 -9.74 -11.54 4.76
C GLY A 108 -9.84 -11.84 3.28
N TYR A 109 -10.82 -11.19 2.65
CA TYR A 109 -10.97 -11.14 1.20
C TYR A 109 -10.47 -9.80 0.69
N GLY A 110 -9.55 -9.83 -0.27
CA GLY A 110 -8.88 -8.60 -0.68
C GLY A 110 -9.75 -7.68 -1.52
N THR A 111 -9.68 -6.38 -1.20
CA THR A 111 -10.34 -5.36 -2.00
C THR A 111 -9.33 -4.77 -2.97
N ASP A 112 -8.93 -3.51 -2.81
CA ASP A 112 -8.04 -2.90 -3.78
C ASP A 112 -6.57 -3.08 -3.39
N ILE A 113 -5.66 -2.60 -4.24
CA ILE A 113 -4.21 -2.64 -3.98
C ILE A 113 -3.59 -1.32 -4.44
N GLY A 114 -2.33 -1.12 -4.07
CA GLY A 114 -1.56 0.02 -4.51
C GLY A 114 -0.29 -0.39 -5.20
N PRO A 115 -0.39 -1.06 -6.35
CA PRO A 115 0.83 -1.47 -7.07
C PRO A 115 1.64 -0.24 -7.48
N GLU A 116 2.95 -0.33 -7.33
CA GLU A 116 3.80 0.85 -7.38
C GLU A 116 4.60 0.93 -8.67
N ALA A 117 4.70 2.14 -9.21
CA ALA A 117 5.60 2.47 -10.30
C ALA A 117 6.56 3.55 -9.80
N ILE A 118 7.36 4.10 -10.72
CA ILE A 118 8.13 5.30 -10.44
C ILE A 118 7.53 6.44 -11.23
N CYS A 119 7.05 7.46 -10.52
N CYS A 119 6.98 7.43 -10.56
CA CYS A 119 6.56 8.71 -11.08
CA CYS A 119 6.63 8.64 -11.26
C CYS A 119 7.71 9.73 -11.10
C CYS A 119 7.82 9.59 -11.24
N TYR A 120 7.85 10.50 -12.19
CA TYR A 120 9.02 11.35 -12.34
C TYR A 120 8.69 12.66 -13.04
N ARG A 121 9.52 13.67 -12.76
CA ARG A 121 9.39 15.01 -13.33
C ARG A 121 10.12 15.04 -14.67
N ARG A 122 9.37 14.96 -15.77
N ARG A 122 9.36 14.90 -15.75
CA ARG A 122 10.03 14.92 -17.07
CA ARG A 122 9.90 14.97 -17.10
C ARG A 122 10.71 16.24 -17.42
C ARG A 122 10.77 16.21 -17.29
N ASP A 123 10.24 17.36 -16.88
CA ASP A 123 10.93 18.63 -17.13
C ASP A 123 12.28 18.66 -16.43
N LEU A 124 12.33 18.21 -15.18
CA LEU A 124 13.61 18.16 -14.47
C LEU A 124 14.53 17.12 -15.09
N PHE A 125 13.99 15.97 -15.51
CA PHE A 125 14.81 14.98 -16.20
C PHE A 125 15.43 15.58 -17.46
N ALA A 126 14.61 16.27 -18.26
CA ALA A 126 15.12 16.85 -19.51
C ALA A 126 16.29 17.78 -19.23
N ARG A 127 16.13 18.67 -18.24
CA ARG A 127 17.14 19.67 -17.93
C ARG A 127 18.40 19.03 -17.36
N ALA A 128 18.26 17.85 -16.75
CA ALA A 128 19.41 17.16 -16.18
C ALA A 128 20.11 16.26 -17.19
N GLY A 129 19.62 16.19 -18.43
CA GLY A 129 20.22 15.31 -19.41
C GLY A 129 19.78 13.86 -19.33
N LEU A 130 18.77 13.55 -18.52
N LEU A 130 18.77 13.55 -18.52
CA LEU A 130 18.25 12.20 -18.44
CA LEU A 130 18.21 12.21 -18.43
C LEU A 130 17.22 11.97 -19.54
C LEU A 130 17.25 11.97 -19.58
N PRO A 131 16.94 10.70 -19.87
CA PRO A 131 15.84 10.42 -20.81
C PRO A 131 14.52 10.90 -20.23
N THR A 132 13.57 11.16 -21.11
CA THR A 132 12.24 11.57 -20.68
C THR A 132 11.13 10.61 -21.11
N ASP A 133 11.34 9.87 -22.20
CA ASP A 133 10.36 8.88 -22.63
C ASP A 133 10.25 7.79 -21.56
N ARG A 134 9.02 7.46 -21.17
CA ARG A 134 8.84 6.51 -20.07
C ARG A 134 9.44 5.14 -20.38
N ALA A 135 9.50 4.76 -21.67
CA ALA A 135 10.12 3.48 -22.00
C ALA A 135 11.63 3.52 -21.77
N GLU A 136 12.26 4.67 -22.03
CA GLU A 136 13.68 4.81 -21.74
C GLU A 136 13.95 5.00 -20.26
N VAL A 137 13.10 5.77 -19.57
CA VAL A 137 13.27 5.98 -18.13
C VAL A 137 13.18 4.65 -17.38
N ALA A 138 12.26 3.78 -17.80
CA ALA A 138 12.11 2.48 -17.16
C ALA A 138 13.42 1.70 -17.13
N LYS A 139 14.27 1.87 -18.14
CA LYS A 139 15.55 1.14 -18.16
C LYS A 139 16.55 1.65 -17.15
N LEU A 140 16.35 2.85 -16.60
CA LEU A 140 17.26 3.40 -15.61
C LEU A 140 17.16 2.72 -14.24
N PHE A 141 16.01 2.14 -13.91
CA PHE A 141 15.73 1.79 -12.51
C PHE A 141 15.46 0.31 -12.25
N PRO A 142 16.24 -0.64 -12.77
CA PRO A 142 15.91 -2.04 -12.50
C PRO A 142 16.07 -2.41 -11.03
N ASP A 143 16.96 -1.74 -10.31
CA ASP A 143 17.23 -2.05 -8.92
C ASP A 143 17.55 -0.76 -8.18
N TRP A 144 17.62 -0.85 -6.85
CA TRP A 144 17.78 0.37 -6.05
C TRP A 144 19.16 0.98 -6.26
N THR A 145 20.18 0.16 -6.45
CA THR A 145 21.51 0.70 -6.71
C THR A 145 21.48 1.58 -7.97
N SER A 146 20.83 1.11 -9.03
CA SER A 146 20.71 1.91 -10.25
C SER A 146 19.85 3.16 -10.02
N TYR A 147 18.79 3.03 -9.21
CA TYR A 147 17.96 4.19 -8.88
C TYR A 147 18.78 5.28 -8.20
N PHE A 148 19.59 4.92 -7.20
CA PHE A 148 20.40 5.92 -6.51
C PHE A 148 21.53 6.44 -7.39
N ALA A 149 22.12 5.57 -8.21
CA ALA A 149 23.15 6.02 -9.15
C ALA A 149 22.58 7.06 -10.11
N ALA A 150 21.38 6.81 -10.64
CA ALA A 150 20.73 7.82 -11.48
C ALA A 150 20.46 9.09 -10.69
N GLY A 151 20.10 8.95 -9.42
CA GLY A 151 19.88 10.13 -8.59
C GLY A 151 21.13 10.97 -8.40
N ARG A 152 22.27 10.31 -8.22
CA ARG A 152 23.53 11.05 -8.08
C ARG A 152 23.90 11.75 -9.38
N ARG A 153 23.71 11.06 -10.50
CA ARG A 153 23.88 11.68 -11.81
C ARG A 153 22.98 12.91 -11.94
N PHE A 154 21.70 12.76 -11.57
CA PHE A 154 20.76 13.87 -11.57
C PHE A 154 21.25 15.01 -10.68
N LYS A 155 21.62 14.67 -9.43
CA LYS A 155 21.97 15.69 -8.45
C LYS A 155 23.18 16.49 -8.90
N ALA A 156 24.13 15.83 -9.57
CA ALA A 156 25.34 16.53 -10.02
C ALA A 156 25.00 17.65 -10.98
N LYS A 157 23.89 17.51 -11.72
CA LYS A 157 23.45 18.50 -12.69
C LYS A 157 22.41 19.46 -12.13
N PRO A 159 21.66 21.19 -8.68
CA PRO A 159 21.95 21.46 -7.26
C PRO A 159 20.74 21.89 -6.45
N ASN A 160 19.73 22.48 -7.08
CA ASN A 160 18.57 22.97 -6.36
C ASN A 160 17.40 22.00 -6.35
N SER A 161 17.61 20.76 -6.78
CA SER A 161 16.57 19.73 -6.70
C SER A 161 17.10 18.50 -6.00
N ALA A 162 16.20 17.75 -5.37
CA ALA A 162 16.52 16.45 -4.83
C ALA A 162 15.95 15.37 -5.74
N TRP A 163 16.36 14.14 -5.47
CA TRP A 163 15.92 13.00 -6.28
C TRP A 163 14.56 12.48 -5.83
N PHE A 164 14.35 12.35 -4.52
CA PHE A 164 13.10 11.84 -3.97
C PHE A 164 12.69 12.69 -2.78
N ASP A 165 11.45 12.49 -2.31
CA ASP A 165 10.90 13.39 -1.31
C ASP A 165 11.44 13.13 0.10
N SER A 166 11.57 11.87 0.53
CA SER A 166 12.07 11.63 1.88
C SER A 166 12.77 10.27 1.97
N ALA A 167 13.71 10.19 2.91
CA ALA A 167 14.36 8.91 3.18
C ALA A 167 13.36 7.88 3.68
N VAL A 168 12.38 8.30 4.49
CA VAL A 168 11.45 7.35 5.09
C VAL A 168 10.62 6.65 4.02
N LEU A 169 10.07 7.41 3.06
CA LEU A 169 9.27 6.74 2.04
C LEU A 169 10.11 5.82 1.17
N THR A 170 11.38 6.18 0.91
CA THR A 170 12.26 5.27 0.21
C THR A 170 12.50 4.00 1.02
N TRP A 171 12.65 4.16 2.33
CA TRP A 171 12.77 3.01 3.23
C TRP A 171 11.55 2.11 3.16
N GLU A 172 10.35 2.70 3.21
CA GLU A 172 9.14 1.89 3.10
C GLU A 172 9.16 1.07 1.81
N ALA A 173 9.57 1.70 0.71
CA ALA A 173 9.58 1.00 -0.58
C ALA A 173 10.56 -0.16 -0.57
N ARG A 175 12.18 -1.66 2.22
CA ARG A 175 12.06 -2.64 3.30
C ARG A 175 10.99 -3.68 2.99
N ASN A 176 9.89 -3.25 2.37
CA ASN A 176 8.79 -4.18 2.15
C ASN A 176 9.10 -5.21 1.08
N GLN A 177 10.20 -5.06 0.33
CA GLN A 177 10.62 -6.06 -0.64
C GLN A 177 11.48 -7.15 -0.05
N LEU A 178 12.08 -6.93 1.11
CA LEU A 178 12.96 -7.93 1.70
C LEU A 178 12.19 -9.21 1.97
N ILE A 179 12.90 -10.35 1.89
CA ILE A 179 12.30 -11.62 2.25
C ILE A 179 11.99 -11.67 3.74
N GLN A 180 12.85 -11.10 4.56
CA GLN A 180 12.51 -10.91 5.96
C GLN A 180 12.94 -9.51 6.39
N ALA A 181 12.16 -8.92 7.27
CA ALA A 181 12.51 -7.61 7.80
C ALA A 181 12.73 -7.74 9.30
N TYR A 182 11.64 -7.76 10.06
CA TYR A 182 11.76 -7.78 11.51
C TYR A 182 11.53 -9.15 12.13
N TYR A 183 10.89 -10.08 11.42
CA TYR A 183 10.45 -11.32 12.02
C TYR A 183 10.88 -12.53 11.19
N SER A 184 11.20 -13.60 11.89
CA SER A 184 11.21 -14.92 11.28
C SER A 184 9.78 -15.39 11.06
N ASN A 185 9.65 -16.51 10.33
CA ASN A 185 8.33 -17.05 10.05
C ASN A 185 7.62 -17.58 11.29
N GLN A 186 8.33 -17.78 12.39
CA GLN A 186 7.71 -18.19 13.64
C GLN A 186 7.53 -17.01 14.60
N ASP A 187 7.37 -15.80 14.07
CA ASP A 187 7.13 -14.58 14.84
C ASP A 187 8.26 -14.29 15.83
N ARG A 188 9.48 -14.68 15.48
N ARG A 188 9.48 -14.72 15.50
CA ARG A 188 10.65 -14.39 16.30
CA ARG A 188 10.65 -14.37 16.30
C ARG A 188 11.28 -13.09 15.79
C ARG A 188 11.23 -13.06 15.78
N TYR A 189 11.39 -12.09 16.69
CA TYR A 189 11.98 -10.81 16.30
C TYR A 189 13.47 -10.99 16.05
N LEU A 190 13.91 -10.59 14.86
CA LEU A 190 15.31 -10.75 14.47
C LEU A 190 15.86 -9.46 13.84
N GLY A 191 15.24 -8.31 14.14
CA GLY A 191 15.64 -7.08 13.49
C GLY A 191 17.10 -6.74 13.72
N ASP A 192 17.62 -7.11 14.88
CA ASP A 192 19.00 -6.83 15.22
C ASP A 192 19.96 -7.88 14.67
N GLU A 193 19.45 -8.94 14.03
CA GLU A 193 20.26 -9.99 13.44
C GLU A 193 20.13 -10.05 11.93
N ASN A 194 19.60 -9.01 11.31
CA ASN A 194 19.30 -8.98 9.88
C ASN A 194 20.24 -7.99 9.21
N GLU A 195 21.32 -8.49 8.61
CA GLU A 195 22.28 -7.58 7.98
C GLU A 195 21.69 -6.92 6.74
N LEU A 196 20.75 -7.59 6.06
CA LEU A 196 20.13 -6.95 4.90
C LEU A 196 19.35 -5.71 5.28
N LEU A 197 18.74 -5.72 6.46
CA LEU A 197 18.08 -4.53 6.98
C LEU A 197 19.08 -3.38 7.17
N LYS A 198 20.22 -3.67 7.79
CA LYS A 198 21.25 -2.64 7.95
C LYS A 198 21.79 -2.20 6.59
N ARG A 199 21.91 -3.12 5.63
CA ARG A 199 22.41 -2.71 4.33
C ARG A 199 21.44 -1.75 3.64
N THR A 200 20.13 -2.01 3.79
N THR A 200 20.13 -1.98 3.81
CA THR A 200 19.11 -1.10 3.30
CA THR A 200 19.15 -1.05 3.24
C THR A 200 19.25 0.26 3.94
C THR A 200 19.20 0.30 3.94
N TRP A 201 19.35 0.29 5.28
CA TRP A 201 19.61 1.53 6.01
C TRP A 201 20.83 2.24 5.47
N ASP A 202 21.94 1.52 5.33
CA ASP A 202 23.19 2.17 4.88
C ASP A 202 23.03 2.79 3.51
N GLN A 203 22.33 2.11 2.60
CA GLN A 203 22.20 2.62 1.23
C GLN A 203 21.34 3.88 1.19
N ILE A 204 20.26 3.93 1.98
CA ILE A 204 19.44 5.13 2.01
C ILE A 204 20.18 6.27 2.71
N VAL A 205 20.86 5.96 3.82
CA VAL A 205 21.64 6.99 4.49
C VAL A 205 22.68 7.58 3.54
N ALA A 206 23.36 6.71 2.77
CA ALA A 206 24.35 7.22 1.82
C ALA A 206 23.68 8.13 0.80
N ALA A 207 22.47 7.79 0.36
CA ALA A 207 21.73 8.67 -0.56
C ALA A 207 21.46 10.03 0.08
N THR A 208 21.07 10.05 1.36
CA THR A 208 20.84 11.34 2.01
C THR A 208 22.14 12.13 2.12
N GLU A 209 23.25 11.45 2.38
CA GLU A 209 24.53 12.15 2.42
C GLU A 209 24.91 12.70 1.04
N ASP A 210 24.41 12.09 -0.02
CA ASP A 210 24.66 12.56 -1.37
C ASP A 210 23.65 13.61 -1.82
N GLY A 211 22.78 14.08 -0.92
CA GLY A 211 21.85 15.13 -1.25
C GLY A 211 20.63 14.67 -2.02
N LEU A 212 20.34 13.38 -2.02
CA LEU A 212 19.26 12.86 -2.85
C LEU A 212 17.88 13.05 -2.23
N SER A 213 17.79 13.40 -0.96
CA SER A 213 16.50 13.53 -0.27
C SER A 213 16.10 14.99 -0.12
N ALA A 214 14.83 15.26 -0.37
CA ALA A 214 14.28 16.58 -0.06
C ALA A 214 13.95 16.74 1.42
N LYS A 215 14.03 15.67 2.21
CA LYS A 215 13.80 15.73 3.66
C LYS A 215 12.39 16.19 4.02
N LEU A 216 11.39 15.83 3.21
CA LEU A 216 10.05 16.30 3.44
C LEU A 216 9.18 15.18 4.02
N PRO A 217 8.72 15.29 5.26
CA PRO A 217 7.88 14.23 5.84
C PRO A 217 6.58 14.09 5.08
N ALA A 218 6.27 12.87 4.68
CA ALA A 218 5.08 12.61 3.88
C ALA A 218 3.83 13.15 4.56
N TRP A 219 2.95 13.75 3.78
CA TRP A 219 1.65 14.29 4.18
C TRP A 219 1.77 15.56 5.03
N SER A 220 2.98 16.04 5.29
CA SER A 220 3.12 17.28 6.03
C SER A 220 2.76 18.48 5.14
N ASP A 221 2.52 19.63 5.78
CA ASP A 221 2.26 20.84 5.01
C ASP A 221 3.43 21.17 4.09
N ALA A 222 4.66 21.03 4.59
CA ALA A 222 5.83 21.32 3.75
C ALA A 222 5.88 20.39 2.54
N TRP A 223 5.61 19.12 2.75
CA TRP A 223 5.57 18.15 1.64
C TRP A 223 4.51 18.55 0.62
N THR A 224 3.31 18.83 1.08
CA THR A 224 2.22 19.23 0.18
C THR A 224 2.63 20.45 -0.66
N LYS A 225 3.12 21.50 -0.01
CA LYS A 225 3.50 22.71 -0.74
C LYS A 225 4.64 22.44 -1.72
N ALA A 226 5.51 21.48 -1.40
CA ALA A 226 6.68 21.26 -2.25
C ALA A 226 6.33 20.73 -3.63
N PHE A 227 5.10 20.24 -3.83
CA PHE A 227 4.71 19.82 -5.17
C PHE A 227 4.59 20.98 -6.14
N ARG A 228 4.57 22.22 -5.64
CA ARG A 228 4.56 23.40 -6.50
C ARG A 228 5.95 24.00 -6.68
N THR A 229 7.00 23.20 -6.47
CA THR A 229 8.39 23.62 -6.57
C THR A 229 9.17 22.53 -7.30
N ASP A 230 10.47 22.77 -7.49
CA ASP A 230 11.37 21.78 -8.05
C ASP A 230 12.04 20.92 -6.98
N ALA A 231 11.41 20.74 -5.82
CA ALA A 231 12.09 20.15 -4.67
C ALA A 231 12.53 18.71 -4.92
N PHE A 232 11.72 17.89 -5.60
CA PHE A 232 12.12 16.51 -5.84
C PHE A 232 11.63 16.04 -7.21
N ALA A 233 12.36 15.08 -7.79
CA ALA A 233 12.15 14.68 -9.18
C ALA A 233 11.49 13.32 -9.36
N THR A 234 11.47 12.45 -8.34
CA THR A 234 10.85 11.13 -8.45
C THR A 234 10.10 10.79 -7.17
N ALA A 236 8.35 6.88 -5.41
CA ALA A 236 7.75 5.57 -5.47
C ALA A 236 6.23 5.75 -5.37
N CYS A 237 5.51 5.16 -6.31
CA CYS A 237 4.21 5.69 -6.70
C CYS A 237 3.16 4.59 -6.86
N PRO A 238 2.38 4.29 -5.82
CA PRO A 238 1.20 3.45 -6.04
C PRO A 238 0.21 4.16 -6.94
N GLY A 239 -0.59 3.37 -7.66
CA GLY A 239 -1.59 3.94 -8.56
C GLY A 239 -2.43 5.02 -7.91
N TRP A 240 -2.86 4.81 -6.66
CA TRP A 240 -3.76 5.76 -6.02
C TRP A 240 -3.07 7.08 -5.68
N LEU A 241 -1.75 7.14 -5.71
CA LEU A 241 -1.07 8.39 -5.38
C LEU A 241 -1.08 9.38 -6.55
N LEU A 242 -1.32 8.92 -7.78
CA LEU A 242 -1.34 9.83 -8.93
C LEU A 242 -2.28 11.01 -8.70
N GLY A 243 -3.47 10.73 -8.17
CA GLY A 243 -4.42 11.81 -7.92
C GLY A 243 -3.96 12.76 -6.84
N VAL A 244 -3.25 12.26 -5.84
CA VAL A 244 -2.70 13.13 -4.80
C VAL A 244 -1.66 14.07 -5.40
N ILE A 245 -0.77 13.53 -6.24
CA ILE A 245 0.27 14.35 -6.87
C ILE A 245 -0.37 15.44 -7.72
N ALA A 246 -1.35 15.04 -8.54
CA ALA A 246 -1.97 16.00 -9.46
C ALA A 246 -2.70 17.09 -8.68
N ASP A 247 -3.38 16.72 -7.59
CA ASP A 247 -4.03 17.72 -6.75
C ASP A 247 -3.02 18.69 -6.13
N ASN A 248 -1.94 18.14 -5.56
CA ASN A 248 -0.98 18.99 -4.87
C ASN A 248 -0.19 19.86 -5.83
N ALA A 249 0.22 19.29 -6.98
CA ALA A 249 1.01 20.06 -7.93
C ALA A 249 0.14 21.03 -8.72
N GLY A 250 -1.12 20.68 -8.97
CA GLY A 250 -2.04 21.60 -9.64
C GLY A 250 -1.54 22.02 -11.00
N THR A 251 -1.88 23.27 -11.37
CA THR A 251 -1.50 23.77 -12.68
C THR A 251 0.01 23.92 -12.82
N PHE A 252 0.72 24.14 -11.70
CA PHE A 252 2.18 24.14 -11.76
C PHE A 252 2.70 22.83 -12.35
N GLY A 253 2.08 21.71 -11.98
CA GLY A 253 2.56 20.42 -12.42
C GLY A 253 2.12 19.98 -13.80
N LYS A 254 1.24 20.74 -14.44
CA LYS A 254 0.77 20.36 -15.78
C LYS A 254 1.94 20.26 -16.75
N GLY A 255 1.98 19.18 -17.51
CA GLY A 255 3.06 18.95 -18.46
C GLY A 255 4.37 18.51 -17.86
N LYS A 256 4.43 18.31 -16.54
CA LYS A 256 5.72 18.05 -15.90
C LYS A 256 5.87 16.62 -15.37
N TRP A 257 4.79 15.85 -15.25
CA TRP A 257 4.85 14.54 -14.63
C TRP A 257 4.61 13.42 -15.65
N ASP A 258 5.26 12.29 -15.41
CA ASP A 258 5.04 11.06 -16.17
C ASP A 258 5.19 9.89 -15.20
N VAL A 259 4.90 8.69 -15.72
N VAL A 259 4.90 8.69 -15.69
CA VAL A 259 4.96 7.45 -14.98
CA VAL A 259 5.09 7.51 -14.88
C VAL A 259 5.78 6.45 -15.80
C VAL A 259 5.73 6.42 -15.73
N ALA A 260 6.74 5.77 -15.15
CA ALA A 260 7.52 4.74 -15.82
C ALA A 260 7.08 3.36 -15.34
N ASP A 261 6.98 2.42 -16.27
CA ASP A 261 6.50 1.06 -15.98
C ASP A 261 7.65 0.24 -15.43
N VAL A 262 8.00 0.52 -14.17
CA VAL A 262 9.17 -0.08 -13.54
C VAL A 262 9.03 0.11 -12.05
N PHE A 263 9.66 -0.78 -11.29
CA PHE A 263 9.82 -0.52 -9.87
C PHE A 263 11.16 -1.14 -9.49
N PRO A 264 12.06 -0.40 -8.85
CA PRO A 264 13.36 -0.96 -8.50
C PRO A 264 13.20 -2.20 -7.63
N GLY A 265 13.92 -3.27 -7.99
CA GLY A 265 13.81 -4.53 -7.30
C GLY A 265 12.73 -5.45 -7.82
N GLY A 266 11.93 -5.01 -8.78
CA GLY A 266 10.93 -5.87 -9.37
C GLY A 266 9.53 -5.30 -9.27
N GLY A 267 8.98 -5.27 -8.04
CA GLY A 267 7.65 -4.74 -7.84
C GLY A 267 7.47 -4.31 -6.41
N GLY A 268 6.43 -3.52 -6.19
CA GLY A 268 6.11 -3.05 -4.85
C GLY A 268 4.63 -2.77 -4.71
N ASN A 269 4.14 -2.91 -3.50
CA ASN A 269 2.75 -2.54 -3.21
C ASN A 269 2.71 -1.63 -2.00
N TRP A 270 1.87 -0.61 -2.07
CA TRP A 270 1.59 0.28 -0.94
C TRP A 270 0.08 0.41 -0.80
N GLY A 271 -0.48 -0.25 0.21
CA GLY A 271 -1.87 -0.02 0.59
C GLY A 271 -2.81 -1.10 0.08
N GLY A 272 -4.11 -0.80 0.19
CA GLY A 272 -5.15 -1.75 -0.13
C GLY A 272 -5.71 -2.40 1.13
N SER A 273 -6.90 -2.98 0.99
CA SER A 273 -7.63 -3.41 2.18
C SER A 273 -8.21 -4.81 1.98
N TYR A 274 -8.95 -5.26 2.99
CA TYR A 274 -9.55 -6.58 3.07
C TYR A 274 -10.90 -6.44 3.78
N LEU A 275 -11.81 -7.34 3.43
CA LEU A 275 -13.04 -7.54 4.20
C LEU A 275 -12.87 -8.76 5.08
N THR A 276 -13.18 -8.62 6.37
CA THR A 276 -13.06 -9.70 7.34
C THR A 276 -14.41 -9.93 8.01
N VAL A 277 -14.56 -11.11 8.61
CA VAL A 277 -15.81 -11.46 9.28
C VAL A 277 -15.47 -11.91 10.70
N PRO A 278 -15.70 -11.07 11.71
CA PRO A 278 -15.42 -11.49 13.09
C PRO A 278 -16.29 -12.66 13.51
N THR A 279 -15.76 -13.46 14.45
CA THR A 279 -16.59 -14.52 15.01
C THR A 279 -17.76 -13.97 15.80
N GLN A 280 -17.73 -12.69 16.16
CA GLN A 280 -18.88 -12.05 16.80
C GLN A 280 -20.12 -12.10 15.92
N SER A 281 -19.96 -12.20 14.61
CA SER A 281 -21.11 -12.17 13.71
C SER A 281 -22.01 -13.37 13.97
N THR A 282 -23.31 -13.10 14.09
CA THR A 282 -24.29 -14.18 14.19
C THR A 282 -24.71 -14.70 12.82
N GLN A 283 -24.20 -14.12 11.73
CA GLN A 283 -24.51 -14.57 10.37
C GLN A 283 -23.23 -14.77 9.56
N PRO A 284 -22.32 -15.63 10.03
CA PRO A 284 -21.02 -15.71 9.35
C PRO A 284 -21.12 -16.19 7.91
N ALA A 285 -22.05 -17.09 7.59
CA ALA A 285 -22.14 -17.57 6.23
C ALA A 285 -22.67 -16.49 5.28
N GLU A 286 -23.70 -15.75 5.70
CA GLU A 286 -24.21 -14.66 4.88
C GLU A 286 -23.20 -13.53 4.79
N ALA A 287 -22.49 -13.24 5.89
CA ALA A 287 -21.44 -12.23 5.87
C ALA A 287 -20.33 -12.61 4.90
N ALA A 288 -19.86 -13.86 4.96
CA ALA A 288 -18.80 -14.30 4.06
C ALA A 288 -19.26 -14.26 2.61
N LYS A 289 -20.53 -14.62 2.36
CA LYS A 289 -21.06 -14.59 1.00
C LYS A 289 -21.05 -13.17 0.45
N LEU A 290 -21.50 -12.21 1.26
CA LEU A 290 -21.52 -10.82 0.81
C LEU A 290 -20.09 -10.29 0.60
N ALA A 291 -19.18 -10.63 1.51
CA ALA A 291 -17.80 -10.18 1.37
C ALA A 291 -17.17 -10.75 0.10
N ALA A 292 -17.45 -12.01 -0.19
CA ALA A 292 -16.92 -12.61 -1.42
C ALA A 292 -17.50 -11.91 -2.65
N TRP A 293 -18.78 -11.57 -2.62
CA TRP A 293 -19.38 -10.90 -3.77
C TRP A 293 -18.81 -9.49 -3.94
N LEU A 294 -18.68 -8.75 -2.85
CA LEU A 294 -18.15 -7.39 -2.94
C LEU A 294 -16.72 -7.38 -3.49
N THR A 295 -15.97 -8.46 -3.33
CA THR A 295 -14.59 -8.51 -3.79
C THR A 295 -14.42 -9.32 -5.08
N ALA A 296 -15.52 -9.76 -5.69
CA ALA A 296 -15.45 -10.47 -6.96
C ALA A 296 -15.02 -9.53 -8.10
N PRO A 297 -14.45 -10.08 -9.17
CA PRO A 297 -13.95 -9.24 -10.26
C PRO A 297 -14.97 -8.25 -10.82
N GLU A 298 -16.23 -8.68 -11.04
N GLU A 298 -16.22 -8.67 -11.06
CA GLU A 298 -17.22 -7.76 -11.60
CA GLU A 298 -17.20 -7.73 -11.60
C GLU A 298 -17.44 -6.57 -10.67
C GLU A 298 -17.39 -6.54 -10.66
N GLN A 299 -17.41 -6.79 -9.36
CA GLN A 299 -17.60 -5.70 -8.42
C GLN A 299 -16.35 -4.84 -8.30
N GLN A 300 -15.17 -5.46 -8.35
CA GLN A 300 -13.97 -4.63 -8.30
C GLN A 300 -13.85 -3.73 -9.53
N ILE A 301 -14.37 -4.18 -10.68
CA ILE A 301 -14.41 -3.30 -11.85
C ILE A 301 -15.36 -2.13 -11.61
N LYS A 302 -16.54 -2.40 -11.02
CA LYS A 302 -17.47 -1.31 -10.73
C LYS A 302 -16.84 -0.28 -9.80
N VAL A 303 -16.14 -0.74 -8.76
CA VAL A 303 -15.49 0.16 -7.83
C VAL A 303 -14.38 0.94 -8.53
N PHE A 304 -13.61 0.28 -9.39
CA PHE A 304 -12.58 0.96 -10.16
C PHE A 304 -13.17 2.11 -10.97
N LYS A 305 -14.31 1.89 -11.64
CA LYS A 305 -14.88 2.97 -12.42
C LYS A 305 -15.50 4.05 -11.54
N LYS A 306 -15.99 3.67 -10.36
CA LYS A 306 -16.65 4.65 -9.50
C LYS A 306 -15.65 5.53 -8.77
N VAL A 307 -14.63 4.93 -8.14
CA VAL A 307 -13.74 5.70 -7.28
C VAL A 307 -12.27 5.53 -7.66
N GLY A 308 -11.97 4.65 -8.62
CA GLY A 308 -10.61 4.54 -9.11
C GLY A 308 -9.73 3.52 -8.41
N SER A 309 -10.25 2.82 -7.42
CA SER A 309 -9.45 1.84 -6.69
C SER A 309 -8.98 0.71 -7.60
N PHE A 310 -7.70 0.35 -7.48
CA PHE A 310 -7.15 -0.61 -8.44
C PHE A 310 -7.46 -2.05 -8.01
N PRO A 311 -8.03 -2.87 -8.89
CA PRO A 311 -8.47 -4.22 -8.48
C PRO A 311 -7.30 -5.11 -8.09
N SER A 312 -7.58 -6.04 -7.16
CA SER A 312 -6.63 -7.08 -6.82
C SER A 312 -7.00 -8.43 -7.43
N THR A 313 -8.05 -8.48 -8.24
CA THR A 313 -8.55 -9.72 -8.83
C THR A 313 -8.04 -9.82 -10.26
N VAL A 314 -7.37 -10.93 -10.58
CA VAL A 314 -6.64 -10.98 -11.85
C VAL A 314 -7.57 -10.94 -13.05
N ASP A 315 -8.81 -11.44 -12.92
CA ASP A 315 -9.72 -11.40 -14.06
C ASP A 315 -10.04 -9.97 -14.48
N ALA A 316 -10.05 -9.03 -13.53
CA ALA A 316 -10.34 -7.65 -13.88
C ALA A 316 -9.30 -7.08 -14.84
N TYR A 317 -8.09 -7.64 -14.86
CA TYR A 317 -7.04 -7.13 -15.74
C TYR A 317 -7.29 -7.53 -17.19
N GLU A 318 -8.24 -8.40 -17.46
CA GLU A 318 -8.64 -8.70 -18.83
C GLU A 318 -9.72 -7.76 -19.33
N SER A 319 -10.19 -6.86 -18.48
CA SER A 319 -11.25 -5.93 -18.86
C SER A 319 -10.67 -4.69 -19.51
N GLU A 320 -11.21 -4.32 -20.67
CA GLU A 320 -10.82 -3.07 -21.30
C GLU A 320 -11.13 -1.87 -20.41
N GLN A 321 -12.12 -1.98 -19.51
N GLN A 321 -12.08 -2.02 -19.48
CA GLN A 321 -12.35 -0.89 -18.57
CA GLN A 321 -12.39 -0.94 -18.55
C GLN A 321 -11.07 -0.54 -17.82
C GLN A 321 -11.24 -0.64 -17.61
N VAL A 322 -10.29 -1.55 -17.47
CA VAL A 322 -9.04 -1.30 -16.75
C VAL A 322 -7.91 -0.95 -17.73
N THR A 323 -7.68 -1.82 -18.72
CA THR A 323 -6.46 -1.70 -19.51
C THR A 323 -6.47 -0.50 -20.45
N ALA A 324 -7.63 0.07 -20.73
CA ALA A 324 -7.68 1.24 -21.60
C ALA A 324 -7.46 2.55 -20.85
N GLN A 325 -7.33 2.50 -19.53
CA GLN A 325 -7.29 3.72 -18.73
C GLN A 325 -6.03 4.52 -19.05
N VAL A 326 -6.21 5.82 -19.28
CA VAL A 326 -5.12 6.75 -19.55
C VAL A 326 -5.21 7.87 -18.53
N ASN A 327 -4.07 8.44 -18.16
CA ASN A 327 -4.07 9.57 -17.24
C ASN A 327 -3.58 10.81 -17.96
N PRO A 328 -4.48 11.70 -18.40
CA PRO A 328 -4.03 12.89 -19.15
C PRO A 328 -3.04 13.76 -18.39
N TYR A 329 -3.22 13.94 -17.08
CA TYR A 329 -2.30 14.79 -16.32
C TYR A 329 -0.87 14.26 -16.39
N PHE A 330 -0.71 12.94 -16.30
CA PHE A 330 0.62 12.32 -16.35
C PHE A 330 1.00 11.98 -17.80
N ASN A 331 0.99 13.01 -18.64
CA ASN A 331 1.44 12.93 -20.03
C ASN A 331 0.71 11.81 -20.78
N ASN A 332 -0.58 11.65 -20.49
CA ASN A 332 -1.41 10.64 -21.15
C ASN A 332 -0.82 9.24 -20.97
N ALA A 333 -0.26 8.98 -19.80
CA ALA A 333 0.35 7.67 -19.57
C ALA A 333 -0.72 6.59 -19.61
N PRO A 334 -0.40 5.41 -20.17
CA PRO A 334 -1.35 4.28 -20.18
C PRO A 334 -1.38 3.58 -18.83
N VAL A 335 -1.93 4.26 -17.82
CA VAL A 335 -1.78 3.80 -16.44
C VAL A 335 -2.52 2.49 -16.22
N GLY A 336 -3.58 2.22 -16.96
CA GLY A 336 -4.25 0.94 -16.83
C GLY A 336 -3.32 -0.21 -17.13
N LYS A 337 -2.61 -0.14 -18.25
CA LYS A 337 -1.67 -1.19 -18.59
C LYS A 337 -0.45 -1.17 -17.69
N ILE A 338 0.03 0.02 -17.33
CA ILE A 338 1.21 0.10 -16.48
C ILE A 338 0.95 -0.55 -15.14
N PHE A 339 -0.18 -0.21 -14.50
CA PHE A 339 -0.36 -0.73 -13.15
C PHE A 339 -0.83 -2.18 -13.13
N VAL A 340 -1.38 -2.69 -14.23
CA VAL A 340 -1.52 -4.15 -14.36
C VAL A 340 -0.15 -4.81 -14.29
N ASN A 341 0.79 -4.32 -15.11
N ASN A 341 0.79 -4.30 -15.08
CA ASN A 341 2.15 -4.85 -15.06
CA ASN A 341 2.15 -4.86 -15.06
C ASN A 341 2.75 -4.71 -13.67
C ASN A 341 2.80 -4.69 -13.69
N ARG A 342 2.55 -3.56 -13.03
CA ARG A 342 3.15 -3.34 -11.71
C ARG A 342 2.54 -4.30 -10.68
N ALA A 343 1.25 -4.57 -10.77
CA ALA A 343 0.63 -5.51 -9.84
C ALA A 343 1.14 -6.92 -10.08
N ASN A 344 1.27 -7.31 -11.36
CA ASN A 344 1.71 -8.66 -11.69
C ASN A 344 3.15 -8.92 -11.28
N ASN A 345 3.94 -7.89 -11.03
CA ASN A 345 5.35 -8.09 -10.71
C ASN A 345 5.67 -7.85 -9.25
N VAL A 346 4.64 -7.70 -8.41
CA VAL A 346 4.85 -7.66 -6.97
C VAL A 346 5.16 -9.07 -6.48
N ILE A 347 6.18 -9.19 -5.65
CA ILE A 347 6.46 -10.42 -4.92
C ILE A 347 6.56 -10.05 -3.44
N LEU A 348 5.68 -10.61 -2.63
CA LEU A 348 5.68 -10.45 -1.18
C LEU A 348 6.00 -11.79 -0.55
N LYS A 349 7.12 -11.86 0.17
CA LYS A 349 7.48 -13.07 0.89
C LYS A 349 7.82 -12.77 2.34
N GLN A 350 7.65 -11.53 2.78
CA GLN A 350 8.04 -11.10 4.11
C GLN A 350 6.91 -11.36 5.10
N HIS A 351 7.24 -12.09 6.17
CA HIS A 351 6.28 -12.29 7.25
C HIS A 351 6.22 -11.05 8.13
N LYS A 352 5.02 -10.63 8.50
CA LYS A 352 4.80 -9.52 9.41
C LYS A 352 4.35 -10.06 10.76
N GLY A 353 5.16 -9.84 11.79
CA GLY A 353 4.86 -10.35 13.11
C GLY A 353 3.94 -9.45 13.92
N PRO A 354 3.67 -9.84 15.17
CA PRO A 354 2.58 -9.21 15.93
C PRO A 354 2.79 -7.74 16.23
N ARG A 355 4.02 -7.25 16.22
CA ARG A 355 4.27 -5.85 16.52
C ARG A 355 5.01 -5.16 15.37
N ASP A 356 4.72 -5.59 14.14
CA ASP A 356 5.49 -5.10 12.98
C ASP A 356 5.38 -3.59 12.82
N GLY A 357 4.18 -3.04 12.98
CA GLY A 357 4.02 -1.60 12.79
C GLY A 357 4.72 -0.80 13.86
N GLU A 358 4.67 -1.27 15.11
CA GLU A 358 5.33 -0.59 16.20
C GLU A 358 6.85 -0.62 16.05
N ILE A 359 7.39 -1.75 15.59
CA ILE A 359 8.82 -1.85 15.34
C ILE A 359 9.21 -0.93 14.19
N ASN A 360 8.46 -1.00 13.09
CA ASN A 360 8.80 -0.17 11.94
C ASN A 360 8.79 1.31 12.30
N GLN A 361 7.90 1.72 13.21
N GLN A 361 7.90 1.72 13.20
CA GLN A 361 7.82 3.13 13.57
CA GLN A 361 7.81 3.13 13.59
C GLN A 361 9.12 3.62 14.20
C GLN A 361 9.10 3.62 14.22
N VAL A 362 9.76 2.79 15.03
CA VAL A 362 11.00 3.24 15.66
C VAL A 362 12.10 3.37 14.61
N PHE A 363 12.11 2.48 13.60
CA PHE A 363 13.12 2.59 12.55
C PHE A 363 12.88 3.81 11.68
N THR A 364 11.62 4.10 11.34
CA THR A 364 11.38 5.25 10.48
C THR A 364 11.58 6.56 11.22
N GLU A 365 11.25 6.60 12.51
CA GLU A 365 11.56 7.79 13.31
C GLU A 365 13.06 8.04 13.31
N ALA A 366 13.84 6.97 13.50
CA ALA A 366 15.30 7.11 13.51
C ALA A 366 15.80 7.58 12.16
N LEU A 367 15.29 7.00 11.07
CA LEU A 367 15.76 7.40 9.76
C LEU A 367 15.39 8.85 9.46
N ALA A 368 14.21 9.29 9.91
CA ALA A 368 13.82 10.69 9.73
C ALA A 368 14.77 11.62 10.46
N ARG A 369 15.22 11.22 11.66
CA ARG A 369 16.18 12.06 12.39
C ARG A 369 17.49 12.19 11.62
N VAL A 370 17.95 11.11 10.98
CA VAL A 370 19.13 11.19 10.13
C VAL A 370 18.86 12.11 8.94
N ASP A 371 17.73 11.88 8.26
CA ASP A 371 17.37 12.66 7.08
C ASP A 371 17.35 14.14 7.39
N GLU A 372 16.82 14.53 8.55
CA GLU A 372 16.67 15.91 8.96
C GLU A 372 17.91 16.48 9.65
N GLY A 373 18.97 15.67 9.80
CA GLY A 373 20.20 16.15 10.40
C GLY A 373 20.18 16.28 11.90
N LYS A 374 19.25 15.61 12.59
CA LYS A 374 19.13 15.71 14.03
C LYS A 374 19.94 14.65 14.78
N GLN A 375 20.42 13.62 14.10
CA GLN A 375 21.16 12.54 14.74
C GLN A 375 22.02 11.89 13.69
N SER A 376 23.23 11.46 14.08
CA SER A 376 24.09 10.75 13.14
C SER A 376 23.52 9.37 12.83
N SER A 377 23.98 8.81 11.71
CA SER A 377 23.50 7.51 11.25
C SER A 377 23.77 6.43 12.29
N SER A 378 24.99 6.38 12.84
CA SER A 378 25.30 5.31 13.77
C SER A 378 24.50 5.46 15.07
N ALA A 379 24.35 6.70 15.58
CA ALA A 379 23.59 6.89 16.81
C ALA A 379 22.11 6.57 16.59
N ALA A 380 21.57 6.96 15.43
CA ALA A 380 20.17 6.68 15.17
C ALA A 380 19.93 5.17 15.03
N TRP A 381 20.85 4.47 14.38
CA TRP A 381 20.68 3.03 14.21
C TRP A 381 20.71 2.32 15.56
N LYS A 382 21.65 2.71 16.43
CA LYS A 382 21.69 2.09 17.75
C LYS A 382 20.41 2.40 18.53
N GLN A 383 19.91 3.63 18.43
CA GLN A 383 18.68 3.97 19.13
C GLN A 383 17.50 3.17 18.58
N ALA A 384 17.42 3.03 17.26
CA ALA A 384 16.34 2.23 16.68
C ALA A 384 16.39 0.80 17.20
N LEU A 385 17.59 0.20 17.25
CA LEU A 385 17.69 -1.17 17.75
C LEU A 385 17.23 -1.28 19.19
N ARG A 386 17.65 -0.35 20.04
CA ARG A 386 17.19 -0.35 21.43
C ARG A 386 15.67 -0.26 21.51
N GLU A 387 15.09 0.69 20.78
CA GLU A 387 13.65 0.91 20.86
C GLU A 387 12.87 -0.24 20.22
N ALA A 388 13.41 -0.82 19.15
CA ALA A 388 12.73 -1.93 18.50
C ALA A 388 12.67 -3.16 19.40
N ASP A 389 13.73 -3.39 20.17
CA ASP A 389 13.71 -4.51 21.11
C ASP A 389 12.57 -4.34 22.11
N LYS A 390 12.40 -3.12 22.63
CA LYS A 390 11.30 -2.85 23.55
C LYS A 390 9.97 -2.98 22.84
N ALA A 391 9.86 -2.41 21.62
CA ALA A 391 8.62 -2.50 20.87
C ALA A 391 8.23 -3.94 20.61
N ALA A 392 9.19 -4.79 20.24
CA ALA A 392 8.91 -6.20 20.02
C ALA A 392 8.52 -6.92 21.28
N ASN A 393 8.77 -6.32 22.45
CA ASN A 393 8.67 -6.92 23.78
C ASN A 393 9.27 -8.32 23.85
#